data_4RUW
#
_entry.id   4RUW
#
_cell.length_a   121.995
_cell.length_b   81.121
_cell.length_c   46.854
_cell.angle_alpha   90.00
_cell.angle_beta   95.91
_cell.angle_gamma   90.00
#
_symmetry.space_group_name_H-M   'C 1 2 1'
#
loop_
_entity.id
_entity.type
_entity.pdbx_description
1 polymer Endonuclease/exonuclease/phosphatase
2 non-polymer 'ZINC ION'
3 non-polymer GLYCEROL
4 water water
#
_entity_poly.entity_id   1
_entity_poly.type   'polypeptide(L)'
_entity_poly.pdbx_seq_one_letter_code
;SNA(MSE)TEESNAARPGTGASVSRRTVLAGGLAGGLALAGAPLAAAAPRGPGGPGRRDLRV(MSE)TWNIHTAVAPDAP
GVVDEPRIAAVIRAEAPDVVVLNEVHRDAPGPGSHGDQPARLAELLAADGYVHTWFGLTEVDLPHEGAVLPGSSNGNVV
(MSE)SRHPFVGGGVVVPLPNENYEPGGKLRRSLLTVTVDVPGLGDVVVHATHLSTPGSAVLVEDQKEQLRIVLDHVDAR
VPSVLAGDLNIWTTDVPTQPYSQNNL(MSE)QSWIAEDHLADTWRQVNDPGAGPT(MSE)TASYGRPESPHPDRRIDYVF
ATPAFDVVAGHVSLVDRFASDHLGVV(MSE)DLRLGGAPVAARTVLAGEDGLDGWAQLTASRPGRLRLSVCKNRGQADDD
GTAVRAVLRNRAGVALRTVTDSGTSRDRCTVETWRGALPPGARLEACLVGADGTILASRTETLHA
;
_entity_poly.pdbx_strand_id   A
#
# COMPACT_ATOMS: atom_id res chain seq x y z
N ARG A 53 12.28 16.55 14.13
CA ARG A 53 11.69 15.30 14.53
C ARG A 53 11.40 14.56 13.30
N ARG A 54 11.02 13.33 13.48
CA ARG A 54 11.12 12.39 12.41
C ARG A 54 9.80 11.76 11.99
N ASP A 55 8.70 12.32 12.47
CA ASP A 55 7.36 11.84 12.14
C ASP A 55 6.87 12.25 10.77
N LEU A 56 6.10 11.37 10.15
CA LEU A 56 5.47 11.65 8.87
C LEU A 56 4.09 11.01 8.84
N ARG A 57 3.05 11.82 8.62
CA ARG A 57 1.71 11.28 8.48
C ARG A 57 1.36 11.25 6.98
N VAL A 58 1.06 10.05 6.50
CA VAL A 58 0.75 9.83 5.09
C VAL A 58 -0.65 9.30 5.00
N THR A 60 -3.83 8.07 2.26
CA THR A 60 -4.27 7.75 0.91
C THR A 60 -5.80 7.62 0.89
N TRP A 61 -6.42 8.07 -0.19
CA TRP A 61 -7.86 8.04 -0.28
C TRP A 61 -8.35 8.02 -1.71
N ASN A 62 -9.18 7.03 -2.03
CA ASN A 62 -9.92 7.04 -3.28
C ASN A 62 -11.19 7.84 -3.01
N ILE A 63 -11.28 9.03 -3.61
CA ILE A 63 -12.33 9.97 -3.27
C ILE A 63 -13.59 9.86 -4.13
N HIS A 64 -13.60 8.91 -5.08
CA HIS A 64 -14.79 8.69 -5.91
C HIS A 64 -15.29 10.01 -6.56
N THR A 65 -14.35 10.77 -7.14
CA THR A 65 -14.66 12.08 -7.73
C THR A 65 -15.46 13.01 -6.82
N ALA A 66 -15.25 12.87 -5.53
CA ALA A 66 -15.95 13.67 -4.50
C ALA A 66 -17.45 13.52 -4.51
N VAL A 67 -17.94 12.42 -5.06
CA VAL A 67 -19.37 12.12 -5.04
C VAL A 67 -19.63 11.09 -3.94
N ALA A 68 -20.38 11.51 -2.94
CA ALA A 68 -20.62 10.68 -1.76
C ALA A 68 -21.70 9.64 -2.00
N PRO A 69 -21.51 8.42 -1.47
CA PRO A 69 -22.57 7.42 -1.60
C PRO A 69 -23.87 7.80 -0.90
N ASP A 70 -23.82 8.70 0.08
CA ASP A 70 -25.04 9.14 0.76
C ASP A 70 -25.70 10.35 0.09
N ALA A 71 -25.10 10.84 -0.99
CA ALA A 71 -25.64 11.99 -1.72
C ALA A 71 -25.25 11.89 -3.21
N PRO A 72 -25.82 10.91 -3.91
CA PRO A 72 -25.51 10.71 -5.34
C PRO A 72 -25.85 11.94 -6.16
N GLY A 73 -25.09 12.18 -7.23
CA GLY A 73 -25.39 13.25 -8.15
C GLY A 73 -24.94 14.64 -7.72
N VAL A 74 -24.21 14.72 -6.61
CA VAL A 74 -23.67 16.00 -6.15
C VAL A 74 -22.17 15.88 -6.03
N VAL A 75 -21.44 16.79 -6.67
CA VAL A 75 -19.99 16.82 -6.58
C VAL A 75 -19.59 17.70 -5.40
N ASP A 76 -18.90 17.12 -4.42
CA ASP A 76 -18.76 17.76 -3.11
C ASP A 76 -17.30 17.77 -2.62
N GLU A 77 -16.46 18.51 -3.32
CA GLU A 77 -15.08 18.66 -2.87
C GLU A 77 -14.92 19.17 -1.43
N PRO A 78 -15.81 20.07 -0.96
CA PRO A 78 -15.60 20.53 0.43
C PRO A 78 -15.67 19.42 1.47
N ARG A 79 -16.49 18.43 1.24
CA ARG A 79 -16.63 17.34 2.16
C ARG A 79 -15.32 16.51 2.20
N ILE A 80 -14.72 16.29 1.04
CA ILE A 80 -13.42 15.63 0.94
C ILE A 80 -12.35 16.47 1.64
N ALA A 81 -12.31 17.75 1.33
CA ALA A 81 -11.31 18.63 1.91
C ALA A 81 -11.40 18.70 3.43
N ALA A 82 -12.62 18.69 3.96
CA ALA A 82 -12.79 18.79 5.41
C ALA A 82 -12.21 17.57 6.12
N VAL A 83 -12.32 16.40 5.50
CA VAL A 83 -11.72 15.20 6.08
C VAL A 83 -10.20 15.29 6.05
N ILE A 84 -9.64 15.68 4.91
CA ILE A 84 -8.19 15.86 4.81
C ILE A 84 -7.70 16.88 5.85
N ARG A 85 -8.40 18.00 5.98
CA ARG A 85 -8.03 19.04 6.94
C ARG A 85 -8.01 18.49 8.36
N ALA A 86 -9.01 17.70 8.71
CA ALA A 86 -9.12 17.15 10.06
C ALA A 86 -8.02 16.14 10.34
N GLU A 87 -7.65 15.33 9.34
CA GLU A 87 -6.62 14.32 9.51
C GLU A 87 -5.21 14.94 9.47
N ALA A 88 -5.10 16.09 8.84
CA ALA A 88 -3.85 16.87 8.80
C ALA A 88 -2.61 16.05 8.41
N PRO A 89 -2.68 15.28 7.31
CA PRO A 89 -1.47 14.55 6.90
C PRO A 89 -0.39 15.49 6.36
N ASP A 90 0.85 15.05 6.40
CA ASP A 90 1.92 15.78 5.76
C ASP A 90 1.79 15.69 4.24
N VAL A 91 1.41 14.50 3.78
CA VAL A 91 1.27 14.20 2.36
C VAL A 91 0.03 13.35 2.19
N VAL A 92 -0.77 13.65 1.17
CA VAL A 92 -1.92 12.82 0.87
C VAL A 92 -1.92 12.43 -0.61
N VAL A 93 -2.22 11.16 -0.84
CA VAL A 93 -2.39 10.58 -2.16
C VAL A 93 -3.89 10.40 -2.38
N LEU A 94 -4.40 10.93 -3.50
CA LEU A 94 -5.80 10.80 -3.85
C LEU A 94 -5.96 10.06 -5.16
N ASN A 95 -6.92 9.13 -5.19
CA ASN A 95 -7.31 8.45 -6.42
C ASN A 95 -8.70 8.93 -6.85
N GLU A 96 -9.00 8.80 -8.14
N GLU A 96 -8.99 8.81 -8.14
CA GLU A 96 -10.30 9.17 -8.70
CA GLU A 96 -10.31 9.18 -8.71
C GLU A 96 -10.59 10.66 -8.56
C GLU A 96 -10.59 10.67 -8.58
N VAL A 97 -9.63 11.47 -9.00
CA VAL A 97 -9.78 12.90 -9.07
C VAL A 97 -9.89 13.27 -10.55
N HIS A 98 -11.00 13.91 -10.93
CA HIS A 98 -11.19 14.24 -12.34
C HIS A 98 -10.78 15.68 -12.66
N ARG A 99 -10.35 15.87 -13.89
CA ARG A 99 -10.15 17.20 -14.41
C ARG A 99 -10.86 17.23 -15.75
N ASP A 100 -12.09 17.75 -15.74
CA ASP A 100 -13.01 17.63 -16.88
C ASP A 100 -13.35 18.99 -17.48
N ALA A 101 -13.45 19.04 -18.81
CA ALA A 101 -14.05 20.16 -19.51
C ALA A 101 -15.56 20.14 -19.24
N PRO A 102 -16.27 21.25 -19.54
CA PRO A 102 -17.72 21.27 -19.33
C PRO A 102 -18.46 20.28 -20.22
N GLY A 103 -19.59 19.79 -19.74
CA GLY A 103 -20.41 18.84 -20.50
C GLY A 103 -21.28 18.04 -19.55
N PRO A 104 -22.17 17.22 -20.10
CA PRO A 104 -23.09 16.43 -19.25
C PRO A 104 -22.34 15.53 -18.29
N GLY A 105 -22.53 15.78 -17.00
CA GLY A 105 -21.91 14.98 -15.97
C GLY A 105 -20.50 15.38 -15.59
N SER A 106 -20.00 16.47 -16.17
CA SER A 106 -18.64 16.92 -15.87
C SER A 106 -18.41 17.17 -14.39
N HIS A 107 -17.20 16.88 -13.92
CA HIS A 107 -16.80 17.12 -12.53
C HIS A 107 -16.00 18.40 -12.38
N GLY A 108 -15.77 19.10 -13.49
CA GLY A 108 -14.97 20.31 -13.48
C GLY A 108 -13.51 20.03 -13.15
N ASP A 109 -12.80 21.07 -12.71
CA ASP A 109 -11.38 20.98 -12.41
C ASP A 109 -11.20 20.64 -10.93
N GLN A 110 -11.29 19.35 -10.59
CA GLN A 110 -11.23 18.97 -9.19
C GLN A 110 -9.89 19.25 -8.51
N PRO A 111 -8.75 19.05 -9.20
CA PRO A 111 -7.50 19.40 -8.52
C PRO A 111 -7.45 20.88 -8.14
N ALA A 112 -7.93 21.77 -9.00
CA ALA A 112 -7.90 23.19 -8.69
C ALA A 112 -8.84 23.51 -7.53
N ARG A 113 -10.00 22.84 -7.50
CA ARG A 113 -10.95 23.09 -6.44
C ARG A 113 -10.43 22.58 -5.09
N LEU A 114 -9.84 21.39 -5.08
CA LEU A 114 -9.26 20.86 -3.86
C LEU A 114 -8.11 21.75 -3.37
N ALA A 115 -7.29 22.22 -4.30
CA ALA A 115 -6.20 23.13 -3.94
C ALA A 115 -6.72 24.43 -3.32
N GLU A 116 -7.81 24.96 -3.88
CA GLU A 116 -8.41 26.17 -3.34
C GLU A 116 -8.91 25.94 -1.91
N LEU A 117 -9.58 24.81 -1.70
CA LEU A 117 -10.15 24.49 -0.41
C LEU A 117 -9.11 24.24 0.69
N LEU A 118 -7.91 23.82 0.30
CA LEU A 118 -6.90 23.37 1.28
C LEU A 118 -5.68 24.27 1.35
N ALA A 119 -5.64 25.33 0.54
CA ALA A 119 -4.51 26.24 0.52
C ALA A 119 -4.23 26.82 1.90
N ALA A 120 -5.28 27.29 2.57
CA ALA A 120 -5.10 27.94 3.87
C ALA A 120 -4.67 26.95 4.94
N ASP A 121 -4.85 25.66 4.66
CA ASP A 121 -4.42 24.60 5.57
C ASP A 121 -3.00 24.15 5.28
N GLY A 122 -2.38 24.78 4.29
CA GLY A 122 -0.97 24.54 3.99
C GLY A 122 -0.70 23.61 2.82
N TYR A 123 -1.74 23.04 2.21
CA TYR A 123 -1.54 22.10 1.11
C TYR A 123 -1.37 22.84 -0.20
N VAL A 124 -0.22 23.50 -0.33
CA VAL A 124 0.01 24.38 -1.47
C VAL A 124 0.92 23.75 -2.54
N HIS A 125 1.29 22.50 -2.33
CA HIS A 125 2.09 21.76 -3.31
C HIS A 125 1.26 20.59 -3.80
N THR A 126 0.83 20.64 -5.05
N THR A 126 0.83 20.62 -5.05
CA THR A 126 -0.08 19.64 -5.60
CA THR A 126 -0.10 19.67 -5.61
C THR A 126 0.40 19.20 -6.97
C THR A 126 0.38 19.19 -6.99
N TRP A 127 0.19 17.92 -7.27
CA TRP A 127 0.51 17.40 -8.59
C TRP A 127 -0.58 16.44 -9.05
N PHE A 128 -1.03 16.61 -10.29
CA PHE A 128 -2.03 15.74 -10.90
C PHE A 128 -1.33 14.85 -11.93
N GLY A 129 -1.46 13.54 -11.76
CA GLY A 129 -0.86 12.59 -12.68
C GLY A 129 -1.95 11.90 -13.49
N LEU A 130 -2.06 12.29 -14.75
CA LEU A 130 -3.09 11.77 -15.63
C LEU A 130 -3.07 10.25 -15.74
N THR A 131 -4.25 9.63 -15.65
CA THR A 131 -4.37 8.19 -15.88
C THR A 131 -5.20 7.82 -17.11
N GLU A 132 -6.16 8.67 -17.48
CA GLU A 132 -7.13 8.30 -18.50
C GLU A 132 -7.84 9.54 -19.01
N VAL A 133 -8.15 9.58 -20.30
CA VAL A 133 -8.97 10.65 -20.85
C VAL A 133 -10.25 10.10 -21.46
N ASP A 134 -11.23 11.00 -21.64
CA ASP A 134 -12.47 10.69 -22.35
C ASP A 134 -13.22 9.51 -21.75
N LEU A 135 -13.60 9.66 -20.48
CA LEU A 135 -14.29 8.62 -19.75
C LEU A 135 -15.81 8.77 -19.90
N PRO A 136 -16.52 7.65 -19.84
CA PRO A 136 -17.98 7.70 -19.78
C PRO A 136 -18.45 8.48 -18.54
N HIS A 137 -19.38 9.41 -18.77
CA HIS A 137 -20.05 10.15 -17.72
C HIS A 137 -21.53 10.11 -18.06
N GLU A 138 -22.34 9.60 -17.15
CA GLU A 138 -23.79 9.54 -17.36
C GLU A 138 -24.13 8.75 -18.64
N GLY A 139 -23.44 7.64 -18.86
CA GLY A 139 -23.79 6.74 -19.93
C GLY A 139 -23.24 7.08 -21.30
N ALA A 140 -22.35 8.08 -21.36
CA ALA A 140 -21.74 8.48 -22.62
C ALA A 140 -20.35 9.04 -22.40
N VAL A 141 -19.46 8.79 -23.36
CA VAL A 141 -18.11 9.36 -23.31
C VAL A 141 -18.21 10.88 -23.25
N LEU A 142 -17.51 11.47 -22.28
CA LEU A 142 -17.49 12.92 -22.14
C LEU A 142 -16.19 13.45 -22.70
N PRO A 143 -16.27 14.13 -23.85
CA PRO A 143 -15.05 14.71 -24.45
C PRO A 143 -14.37 15.68 -23.50
N GLY A 144 -13.04 15.62 -23.43
CA GLY A 144 -12.30 16.55 -22.61
C GLY A 144 -12.27 16.19 -21.13
N SER A 145 -12.76 14.99 -20.78
CA SER A 145 -12.69 14.54 -19.40
C SER A 145 -11.37 13.83 -19.12
N SER A 146 -11.00 13.75 -17.86
CA SER A 146 -9.79 13.01 -17.50
C SER A 146 -9.83 12.61 -16.04
N ASN A 147 -9.14 11.51 -15.75
CA ASN A 147 -8.93 11.07 -14.38
C ASN A 147 -7.45 11.12 -14.06
N GLY A 148 -7.13 11.42 -12.80
CA GLY A 148 -5.77 11.38 -12.33
C GLY A 148 -5.63 10.86 -10.91
N ASN A 149 -4.40 10.48 -10.57
CA ASN A 149 -3.97 10.36 -9.19
C ASN A 149 -3.34 11.69 -8.79
N VAL A 150 -3.53 12.09 -7.54
CA VAL A 150 -3.03 13.39 -7.08
C VAL A 150 -2.18 13.21 -5.84
N VAL A 151 -1.08 13.97 -5.76
CA VAL A 151 -0.35 14.13 -4.51
C VAL A 151 -0.52 15.57 -4.05
N SER A 153 0.61 18.11 -0.73
CA SER A 153 1.60 18.11 0.32
C SER A 153 1.72 19.48 0.97
N ARG A 154 1.97 19.49 2.28
N ARG A 154 1.98 19.48 2.29
CA ARG A 154 2.31 20.71 3.00
CA ARG A 154 2.30 20.70 3.01
C ARG A 154 3.76 21.09 2.80
C ARG A 154 3.77 21.08 2.81
N HIS A 155 4.53 20.20 2.17
CA HIS A 155 5.97 20.38 2.03
C HIS A 155 6.35 20.43 0.56
N PRO A 156 7.37 21.22 0.22
CA PRO A 156 7.69 21.44 -1.19
C PRO A 156 8.18 20.19 -1.91
N PHE A 157 7.92 20.16 -3.22
CA PHE A 157 8.43 19.12 -4.08
C PHE A 157 9.90 19.41 -4.43
N VAL A 158 10.66 18.35 -4.69
CA VAL A 158 11.99 18.46 -5.25
C VAL A 158 11.88 17.99 -6.69
N GLY A 159 12.01 18.91 -7.63
CA GLY A 159 11.70 18.61 -9.02
C GLY A 159 10.20 18.51 -9.19
N GLY A 160 9.77 17.81 -10.24
CA GLY A 160 8.36 17.70 -10.54
C GLY A 160 7.85 16.28 -10.52
N GLY A 161 6.56 16.12 -10.80
CA GLY A 161 5.97 14.80 -10.86
C GLY A 161 6.28 14.11 -12.18
N VAL A 162 6.44 12.79 -12.12
CA VAL A 162 6.65 11.99 -13.32
C VAL A 162 5.58 10.91 -13.36
N VAL A 163 4.94 10.78 -14.52
CA VAL A 163 3.85 9.84 -14.71
C VAL A 163 4.32 8.69 -15.59
N VAL A 164 4.11 7.47 -15.11
CA VAL A 164 4.47 6.26 -15.84
C VAL A 164 3.19 5.50 -16.18
N PRO A 165 2.93 5.30 -17.48
CA PRO A 165 1.70 4.60 -17.86
C PRO A 165 1.74 3.13 -17.45
N LEU A 166 0.59 2.58 -17.08
CA LEU A 166 0.49 1.17 -16.71
C LEU A 166 -0.48 0.51 -17.68
N PRO A 167 -0.12 -0.67 -18.21
CA PRO A 167 -0.79 -1.29 -19.36
C PRO A 167 -2.09 -1.99 -19.01
N ASN A 168 -2.99 -2.13 -19.98
CA ASN A 168 -4.14 -3.02 -19.88
C ASN A 168 -4.21 -3.93 -21.10
N GLU A 169 -3.08 -4.51 -21.48
CA GLU A 169 -2.98 -5.28 -22.72
C GLU A 169 -3.82 -6.55 -22.71
N ASN A 170 -3.95 -7.21 -21.57
CA ASN A 170 -4.77 -8.42 -21.53
C ASN A 170 -6.27 -8.12 -21.61
N TYR A 171 -6.69 -7.07 -20.91
CA TYR A 171 -8.07 -6.64 -20.93
C TYR A 171 -8.50 -6.16 -22.31
N GLU A 172 -7.64 -5.35 -22.94
N GLU A 172 -7.65 -5.38 -22.94
CA GLU A 172 -7.96 -4.75 -24.22
CA GLU A 172 -7.95 -4.74 -24.22
C GLU A 172 -6.67 -4.55 -25.01
C GLU A 172 -6.67 -4.55 -25.02
N PRO A 173 -6.29 -5.56 -25.80
CA PRO A 173 -5.04 -5.43 -26.56
C PRO A 173 -5.06 -4.18 -27.44
N GLY A 174 -4.00 -3.38 -27.36
CA GLY A 174 -3.88 -2.16 -28.14
C GLY A 174 -4.84 -1.05 -27.74
N GLY A 175 -5.50 -1.20 -26.59
CA GLY A 175 -6.53 -0.26 -26.17
C GLY A 175 -6.04 0.99 -25.47
N LYS A 176 -6.96 1.81 -24.99
CA LYS A 176 -6.59 3.06 -24.37
C LYS A 176 -5.89 2.88 -22.99
N LEU A 177 -5.11 3.85 -22.63
CA LEU A 177 -4.51 3.84 -21.31
C LEU A 177 -5.55 4.24 -20.26
N ARG A 178 -5.50 3.53 -19.12
CA ARG A 178 -6.48 3.73 -18.05
C ARG A 178 -5.85 3.96 -16.68
N ARG A 179 -4.63 3.46 -16.47
CA ARG A 179 -3.99 3.50 -15.15
C ARG A 179 -2.59 4.05 -15.29
N SER A 180 -2.10 4.72 -14.26
CA SER A 180 -0.71 5.19 -14.27
C SER A 180 -0.16 5.33 -12.87
N LEU A 181 1.16 5.49 -12.80
CA LEU A 181 1.88 5.74 -11.56
C LEU A 181 2.40 7.16 -11.57
N LEU A 182 2.18 7.89 -10.47
CA LEU A 182 2.71 9.24 -10.30
C LEU A 182 3.79 9.20 -9.22
N THR A 183 4.97 9.72 -9.54
CA THR A 183 6.06 9.77 -8.56
C THR A 183 6.53 11.20 -8.39
N VAL A 184 6.65 11.64 -7.14
CA VAL A 184 7.18 12.95 -6.84
C VAL A 184 7.94 12.90 -5.51
N THR A 185 9.00 13.68 -5.41
CA THR A 185 9.77 13.74 -4.18
C THR A 185 9.32 14.94 -3.36
N VAL A 186 9.07 14.70 -2.08
N VAL A 186 9.07 14.70 -2.08
CA VAL A 186 8.73 15.76 -1.15
CA VAL A 186 8.72 15.75 -1.15
C VAL A 186 9.87 15.99 -0.16
C VAL A 186 9.87 16.00 -0.17
N ASP A 187 10.20 17.26 0.07
CA ASP A 187 11.26 17.61 1.02
C ASP A 187 10.63 17.94 2.37
N VAL A 188 10.66 16.97 3.28
CA VAL A 188 9.98 17.09 4.55
C VAL A 188 10.93 17.59 5.64
N PRO A 189 10.60 18.73 6.27
CA PRO A 189 11.46 19.27 7.34
C PRO A 189 11.72 18.21 8.41
N GLY A 190 12.99 18.03 8.77
CA GLY A 190 13.39 17.07 9.77
C GLY A 190 13.71 15.68 9.23
N LEU A 191 13.13 15.34 8.08
CA LEU A 191 13.33 14.02 7.49
C LEU A 191 14.20 14.08 6.25
N GLY A 192 14.02 15.14 5.47
CA GLY A 192 14.67 15.23 4.17
C GLY A 192 13.76 14.71 3.08
N ASP A 193 14.35 14.29 1.97
CA ASP A 193 13.58 13.88 0.81
C ASP A 193 12.87 12.54 1.04
N VAL A 194 11.60 12.50 0.69
CA VAL A 194 10.83 11.25 0.71
C VAL A 194 10.21 11.10 -0.66
N VAL A 195 10.43 9.97 -1.33
CA VAL A 195 9.84 9.73 -2.62
C VAL A 195 8.43 9.17 -2.44
N VAL A 196 7.44 9.83 -3.03
CA VAL A 196 6.05 9.41 -2.94
C VAL A 196 5.59 8.84 -4.28
N HIS A 197 5.18 7.57 -4.25
CA HIS A 197 4.62 6.89 -5.40
C HIS A 197 3.13 6.71 -5.18
N ALA A 198 2.33 7.23 -6.11
CA ALA A 198 0.87 7.24 -6.02
C ALA A 198 0.30 6.46 -7.19
N THR A 199 -0.56 5.48 -6.94
CA THR A 199 -1.16 4.77 -8.06
C THR A 199 -2.53 4.21 -7.72
N HIS A 200 -3.10 3.53 -8.70
CA HIS A 200 -4.45 2.97 -8.65
C HIS A 200 -4.43 1.91 -9.75
N LEU A 201 -4.58 0.64 -9.38
CA LEU A 201 -4.49 -0.45 -10.36
C LEU A 201 -5.87 -0.86 -10.88
N SER A 202 -5.90 -1.67 -11.93
CA SER A 202 -7.16 -2.19 -12.42
C SER A 202 -7.91 -2.97 -11.35
N THR A 203 -9.22 -3.04 -11.50
CA THR A 203 -10.05 -3.92 -10.67
C THR A 203 -9.86 -5.36 -11.09
N PRO A 204 -10.04 -6.31 -10.16
CA PRO A 204 -9.85 -7.71 -10.52
C PRO A 204 -11.15 -8.31 -11.07
N GLY A 205 -11.67 -7.72 -12.14
CA GLY A 205 -12.99 -8.07 -12.63
C GLY A 205 -13.08 -9.34 -13.46
N SER A 206 -11.92 -9.91 -13.81
CA SER A 206 -11.86 -11.07 -14.69
C SER A 206 -10.43 -11.59 -14.68
N ALA A 207 -10.21 -12.76 -15.26
CA ALA A 207 -8.86 -13.31 -15.34
C ALA A 207 -7.91 -12.38 -16.10
N VAL A 208 -8.35 -11.82 -17.22
CA VAL A 208 -7.48 -10.93 -17.97
C VAL A 208 -7.16 -9.65 -17.17
N LEU A 209 -8.12 -9.15 -16.40
CA LEU A 209 -7.86 -7.98 -15.57
C LEU A 209 -6.85 -8.28 -14.46
N VAL A 210 -6.91 -9.47 -13.87
CA VAL A 210 -5.91 -9.86 -12.87
C VAL A 210 -4.52 -9.98 -13.51
N GLU A 211 -4.45 -10.51 -14.72
CA GLU A 211 -3.17 -10.53 -15.44
C GLU A 211 -2.65 -9.11 -15.67
N ASP A 212 -3.55 -8.17 -15.94
CA ASP A 212 -3.14 -6.78 -16.05
C ASP A 212 -2.68 -6.22 -14.69
N GLN A 213 -3.39 -6.53 -13.60
CA GLN A 213 -2.93 -6.10 -12.27
C GLN A 213 -1.48 -6.52 -12.05
N LYS A 214 -1.17 -7.77 -12.40
CA LYS A 214 0.18 -8.27 -12.23
C LYS A 214 1.20 -7.49 -13.05
N GLU A 215 0.90 -7.23 -14.31
CA GLU A 215 1.83 -6.49 -15.14
C GLU A 215 1.99 -5.04 -14.69
N GLN A 216 0.89 -4.42 -14.26
CA GLN A 216 0.93 -3.07 -13.72
C GLN A 216 1.79 -3.03 -12.47
N LEU A 217 1.56 -3.97 -11.56
CA LEU A 217 2.31 -4.00 -10.32
C LEU A 217 3.81 -4.19 -10.55
N ARG A 218 4.18 -5.05 -11.50
N ARG A 218 4.18 -5.05 -11.50
CA ARG A 218 5.59 -5.24 -11.85
CA ARG A 218 5.60 -5.25 -11.82
C ARG A 218 6.24 -3.91 -12.16
C ARG A 218 6.27 -3.93 -12.20
N ILE A 219 5.56 -3.13 -13.00
CA ILE A 219 6.11 -1.85 -13.43
C ILE A 219 6.20 -0.89 -12.23
N VAL A 220 5.16 -0.84 -11.42
CA VAL A 220 5.18 0.01 -10.24
C VAL A 220 6.37 -0.35 -9.34
N LEU A 221 6.53 -1.63 -9.05
CA LEU A 221 7.59 -2.05 -8.14
C LEU A 221 8.98 -1.77 -8.69
N ASP A 222 9.13 -1.88 -10.00
N ASP A 222 9.15 -1.88 -10.00
CA ASP A 222 10.42 -1.63 -10.61
CA ASP A 222 10.47 -1.60 -10.55
C ASP A 222 10.79 -0.14 -10.55
C ASP A 222 10.82 -0.13 -10.48
N HIS A 223 9.81 0.71 -10.22
CA HIS A 223 10.05 2.14 -10.05
C HIS A 223 10.25 2.56 -8.59
N VAL A 224 10.18 1.61 -7.67
CA VAL A 224 10.44 1.92 -6.25
C VAL A 224 11.88 1.57 -5.91
N ASP A 225 12.58 2.51 -5.29
CA ASP A 225 13.94 2.30 -4.84
C ASP A 225 13.95 2.21 -3.30
N ALA A 226 14.05 0.99 -2.78
CA ALA A 226 14.00 0.82 -1.33
C ALA A 226 15.23 1.34 -0.59
N ARG A 227 16.27 1.71 -1.33
CA ARG A 227 17.47 2.28 -0.73
C ARG A 227 17.26 3.69 -0.20
N VAL A 228 16.22 4.37 -0.67
CA VAL A 228 15.94 5.73 -0.22
C VAL A 228 14.56 5.76 0.42
N PRO A 229 14.32 6.66 1.38
CA PRO A 229 13.00 6.71 2.02
C PRO A 229 11.90 6.94 0.98
N SER A 230 10.96 5.99 0.89
CA SER A 230 9.89 6.08 -0.09
C SER A 230 8.62 5.47 0.47
N VAL A 231 7.49 5.94 -0.04
CA VAL A 231 6.21 5.31 0.22
C VAL A 231 5.51 5.02 -1.09
N LEU A 232 4.71 3.96 -1.11
CA LEU A 232 3.87 3.59 -2.24
C LEU A 232 2.46 3.51 -1.71
N ALA A 233 1.56 4.30 -2.29
CA ALA A 233 0.22 4.38 -1.75
C ALA A 233 -0.81 4.42 -2.85
N GLY A 234 -1.98 3.87 -2.53
CA GLY A 234 -3.14 4.00 -3.37
C GLY A 234 -4.04 2.80 -3.33
N ASP A 235 -5.02 2.82 -4.21
CA ASP A 235 -6.00 1.76 -4.34
C ASP A 235 -5.40 0.71 -5.28
N LEU A 236 -4.79 -0.32 -4.68
CA LEU A 236 -4.18 -1.36 -5.47
C LEU A 236 -5.20 -2.38 -5.96
N ASN A 237 -6.42 -2.32 -5.42
CA ASN A 237 -7.50 -3.18 -5.90
C ASN A 237 -7.23 -4.67 -5.73
N ILE A 238 -6.36 -5.01 -4.79
CA ILE A 238 -6.08 -6.39 -4.46
C ILE A 238 -6.20 -6.59 -2.97
N TRP A 239 -6.74 -7.73 -2.55
CA TRP A 239 -6.61 -8.16 -1.17
C TRP A 239 -5.17 -8.62 -0.95
N THR A 240 -4.82 -8.94 0.29
CA THR A 240 -3.52 -9.53 0.56
C THR A 240 -3.47 -11.02 0.24
N THR A 241 -4.63 -11.67 0.18
CA THR A 241 -4.68 -13.11 -0.09
C THR A 241 -5.68 -13.40 -1.21
N ASP A 242 -5.50 -14.55 -1.85
CA ASP A 242 -6.36 -14.91 -2.98
C ASP A 242 -7.83 -14.88 -2.60
N VAL A 243 -8.65 -14.29 -3.46
CA VAL A 243 -10.08 -14.25 -3.23
C VAL A 243 -10.64 -15.64 -3.47
N PRO A 244 -11.25 -16.27 -2.45
CA PRO A 244 -11.63 -17.68 -2.59
C PRO A 244 -12.71 -17.93 -3.64
N THR A 245 -13.49 -16.90 -3.97
CA THR A 245 -14.55 -17.03 -4.96
C THR A 245 -14.05 -16.79 -6.40
N GLN A 246 -12.78 -16.49 -6.57
CA GLN A 246 -12.17 -16.25 -7.87
C GLN A 246 -11.01 -17.16 -8.13
N PRO A 247 -11.19 -18.18 -8.95
CA PRO A 247 -10.10 -19.13 -9.18
C PRO A 247 -8.84 -18.53 -9.79
N TYR A 248 -8.97 -17.38 -10.47
CA TYR A 248 -7.85 -16.74 -11.13
C TYR A 248 -7.17 -15.65 -10.27
N SER A 249 -7.61 -15.53 -9.02
CA SER A 249 -7.03 -14.53 -8.13
C SER A 249 -5.56 -14.84 -7.86
N GLN A 250 -4.72 -13.82 -7.90
CA GLN A 250 -3.29 -14.03 -7.68
C GLN A 250 -2.71 -13.01 -6.70
N ASN A 251 -3.47 -12.77 -5.64
CA ASN A 251 -3.08 -11.83 -4.60
C ASN A 251 -1.88 -12.28 -3.79
N ASN A 252 -1.83 -13.55 -3.38
CA ASN A 252 -0.66 -14.02 -2.64
C ASN A 252 0.62 -13.80 -3.43
N LEU A 253 0.58 -14.11 -4.71
CA LEU A 253 1.73 -13.91 -5.59
C LEU A 253 2.14 -12.44 -5.61
N GLN A 255 1.49 -10.03 -3.50
CA GLN A 255 2.00 -9.58 -2.21
C GLN A 255 3.42 -10.08 -1.95
N SER A 256 3.75 -11.28 -2.43
CA SER A 256 5.11 -11.78 -2.28
C SER A 256 6.09 -10.89 -3.04
N TRP A 257 5.70 -10.38 -4.21
CA TRP A 257 6.56 -9.48 -4.97
C TRP A 257 6.82 -8.19 -4.22
N ILE A 258 5.78 -7.66 -3.61
CA ILE A 258 5.91 -6.40 -2.87
C ILE A 258 6.85 -6.60 -1.69
N ALA A 259 6.67 -7.68 -0.95
CA ALA A 259 7.52 -7.97 0.20
C ALA A 259 8.97 -8.18 -0.24
N GLU A 260 9.23 -8.95 -1.42
CA GLU A 260 10.58 -9.19 -1.96
C GLU A 260 11.30 -7.90 -2.26
N ASP A 261 10.49 -6.84 -2.56
CA ASP A 261 11.06 -5.55 -2.91
C ASP A 261 11.26 -4.62 -1.71
N HIS A 262 11.20 -5.20 -0.52
CA HIS A 262 11.56 -4.52 0.74
C HIS A 262 10.51 -3.51 1.16
N LEU A 263 9.28 -3.69 0.72
CA LEU A 263 8.20 -2.79 1.11
C LEU A 263 7.37 -3.45 2.20
N ALA A 264 7.02 -2.67 3.24
CA ALA A 264 6.21 -3.15 4.34
C ALA A 264 4.81 -2.56 4.24
N ASP A 265 3.80 -3.40 4.41
CA ASP A 265 2.41 -3.00 4.44
C ASP A 265 2.20 -2.33 5.80
N THR A 266 2.14 -1.00 5.81
CA THR A 266 2.25 -0.31 7.09
C THR A 266 1.07 -0.59 8.01
N TRP A 267 -0.14 -0.64 7.47
CA TRP A 267 -1.30 -0.95 8.30
C TRP A 267 -1.09 -2.25 9.07
N ARG A 268 -0.63 -3.27 8.38
CA ARG A 268 -0.51 -4.60 8.92
C ARG A 268 0.59 -4.72 9.98
N GLN A 269 1.50 -3.75 10.04
CA GLN A 269 2.54 -3.74 11.07
C GLN A 269 1.95 -3.36 12.43
N VAL A 270 0.95 -2.48 12.42
CA VAL A 270 0.47 -1.87 13.67
C VAL A 270 -0.97 -2.21 14.02
N ASN A 271 -1.75 -2.70 13.05
CA ASN A 271 -3.19 -2.95 13.24
C ASN A 271 -3.56 -4.31 12.67
N ASP A 272 -4.69 -4.85 13.11
CA ASP A 272 -5.26 -6.00 12.41
C ASP A 272 -5.80 -5.55 11.06
N PRO A 273 -5.36 -6.19 9.96
CA PRO A 273 -5.96 -5.91 8.65
C PRO A 273 -7.48 -6.00 8.68
N GLY A 274 -8.04 -6.97 9.41
CA GLY A 274 -9.48 -7.16 9.43
C GLY A 274 -10.24 -6.02 10.08
N ALA A 275 -9.54 -5.16 10.81
CA ALA A 275 -10.15 -3.99 11.43
C ALA A 275 -10.12 -2.79 10.49
N GLY A 276 -9.48 -2.94 9.34
CA GLY A 276 -9.35 -1.82 8.42
C GLY A 276 -9.71 -2.07 6.97
N PRO A 277 -10.90 -2.66 6.70
CA PRO A 277 -11.32 -2.70 5.30
C PRO A 277 -11.48 -1.26 4.82
N THR A 278 -11.31 -1.04 3.52
CA THR A 278 -11.25 0.31 2.99
C THR A 278 -12.39 0.62 2.04
N THR A 280 -16.04 1.56 2.14
CA THR A 280 -16.89 2.15 3.17
C THR A 280 -18.01 1.21 3.60
N ALA A 281 -18.65 0.57 2.62
CA ALA A 281 -19.76 -0.31 2.90
C ALA A 281 -19.38 -1.56 3.68
N SER A 282 -18.09 -1.91 3.68
CA SER A 282 -17.64 -3.09 4.40
C SER A 282 -17.30 -2.81 5.86
N TYR A 283 -17.09 -1.54 6.20
CA TYR A 283 -16.66 -1.21 7.54
C TYR A 283 -17.73 -1.56 8.56
N GLY A 284 -17.33 -2.26 9.62
CA GLY A 284 -18.25 -2.62 10.67
C GLY A 284 -19.00 -3.93 10.45
N ARG A 285 -18.73 -4.62 9.35
CA ARG A 285 -19.38 -5.90 9.06
C ARG A 285 -18.43 -7.06 9.32
N PRO A 286 -18.68 -7.82 10.40
CA PRO A 286 -17.74 -8.92 10.70
C PRO A 286 -17.85 -10.11 9.73
N GLU A 287 -18.96 -10.21 9.01
CA GLU A 287 -19.19 -11.37 8.16
C GLU A 287 -18.35 -11.32 6.88
N SER A 288 -17.90 -12.47 6.41
CA SER A 288 -17.10 -12.54 5.21
C SER A 288 -17.90 -12.07 3.99
N PRO A 289 -17.24 -11.43 3.02
CA PRO A 289 -15.79 -11.18 2.90
C PRO A 289 -15.38 -9.80 3.40
N HIS A 290 -16.23 -9.15 4.19
CA HIS A 290 -16.00 -7.74 4.49
C HIS A 290 -14.69 -7.38 5.17
N PRO A 291 -14.24 -8.17 6.18
CA PRO A 291 -12.96 -7.81 6.80
C PRO A 291 -11.76 -8.00 5.87
N ASP A 292 -11.96 -8.68 4.75
CA ASP A 292 -10.89 -8.91 3.79
C ASP A 292 -10.76 -7.78 2.77
N ARG A 293 -11.77 -6.91 2.69
CA ARG A 293 -11.84 -5.88 1.64
C ARG A 293 -11.03 -4.63 1.98
N ARG A 294 -9.76 -4.87 2.28
CA ARG A 294 -8.77 -3.83 2.49
C ARG A 294 -7.94 -3.79 1.21
N ILE A 295 -8.14 -2.76 0.41
CA ILE A 295 -7.55 -2.70 -0.93
C ILE A 295 -6.82 -1.38 -1.19
N ASP A 296 -6.83 -0.49 -0.21
CA ASP A 296 -6.10 0.77 -0.26
C ASP A 296 -4.95 0.62 0.74
N TYR A 297 -3.73 0.92 0.32
CA TYR A 297 -2.55 0.61 1.10
C TYR A 297 -1.59 1.78 1.20
N VAL A 298 -0.79 1.77 2.26
CA VAL A 298 0.44 2.56 2.32
C VAL A 298 1.58 1.60 2.61
N PHE A 299 2.48 1.45 1.64
CA PHE A 299 3.69 0.65 1.79
C PHE A 299 4.88 1.59 2.03
N ALA A 300 5.81 1.16 2.87
CA ALA A 300 6.98 1.99 3.18
C ALA A 300 8.26 1.18 3.04
N THR A 301 9.34 1.87 2.70
CA THR A 301 10.65 1.25 2.59
C THR A 301 11.28 1.03 3.98
N PRO A 302 12.38 0.26 4.05
CA PRO A 302 12.85 -0.19 5.38
C PRO A 302 13.28 0.91 6.34
N ALA A 303 13.66 2.09 5.84
CA ALA A 303 14.07 3.17 6.74
C ALA A 303 12.95 3.64 7.66
N PHE A 304 11.71 3.40 7.27
CA PHE A 304 10.56 3.81 8.08
C PHE A 304 10.19 2.79 9.14
N ASP A 305 9.83 3.30 10.32
CA ASP A 305 9.10 2.53 11.32
C ASP A 305 7.65 2.96 11.25
N VAL A 306 6.74 2.06 11.62
CA VAL A 306 5.33 2.39 11.67
C VAL A 306 4.90 2.61 13.11
N VAL A 307 4.30 3.77 13.37
CA VAL A 307 3.89 4.16 14.72
C VAL A 307 2.44 3.81 15.01
N ALA A 308 1.54 4.16 14.10
CA ALA A 308 0.12 3.98 14.30
C ALA A 308 -0.59 4.20 12.98
N GLY A 309 -1.85 3.82 12.90
CA GLY A 309 -2.64 4.17 11.74
C GLY A 309 -4.11 3.97 12.01
N HIS A 310 -4.95 4.63 11.23
CA HIS A 310 -6.39 4.45 11.36
C HIS A 310 -7.08 4.69 10.03
N VAL A 311 -8.26 4.12 9.85
CA VAL A 311 -9.10 4.52 8.75
C VAL A 311 -9.85 5.78 9.17
N SER A 312 -10.10 6.67 8.23
CA SER A 312 -10.75 7.92 8.58
C SER A 312 -12.24 7.72 8.72
N LEU A 313 -12.76 8.07 9.90
CA LEU A 313 -14.18 7.99 10.18
C LEU A 313 -14.74 9.38 10.55
N VAL A 314 -14.00 10.42 10.18
CA VAL A 314 -14.47 11.81 10.35
C VAL A 314 -15.81 12.01 9.63
N ASP A 315 -15.90 11.50 8.40
CA ASP A 315 -17.10 11.63 7.59
C ASP A 315 -17.08 10.44 6.66
N ARG A 316 -17.38 9.26 7.20
CA ARG A 316 -17.14 8.02 6.50
C ARG A 316 -17.91 7.90 5.17
N PHE A 317 -19.07 8.55 5.08
CA PHE A 317 -19.87 8.44 3.87
C PHE A 317 -19.54 9.47 2.79
N ALA A 318 -18.43 10.18 2.97
CA ALA A 318 -17.99 11.15 1.98
C ALA A 318 -17.52 10.50 0.68
N SER A 319 -17.10 9.24 0.76
CA SER A 319 -16.65 8.47 -0.41
C SER A 319 -17.04 7.02 -0.23
N ASP A 320 -17.01 6.23 -1.31
CA ASP A 320 -17.24 4.81 -1.18
C ASP A 320 -16.00 4.02 -0.74
N HIS A 321 -14.86 4.71 -0.59
CA HIS A 321 -13.69 4.16 0.10
C HIS A 321 -13.44 4.98 1.35
N LEU A 322 -12.79 4.36 2.34
CA LEU A 322 -12.29 5.06 3.51
C LEU A 322 -10.87 5.51 3.28
N GLY A 323 -10.53 6.69 3.80
CA GLY A 323 -9.16 7.14 3.82
C GLY A 323 -8.34 6.31 4.80
N VAL A 324 -7.08 6.07 4.46
CA VAL A 324 -6.14 5.36 5.34
C VAL A 324 -5.10 6.37 5.78
N VAL A 325 -4.93 6.52 7.09
CA VAL A 325 -4.07 7.54 7.65
C VAL A 325 -2.99 6.91 8.52
N ASP A 327 0.78 6.93 10.55
CA ASP A 327 1.83 7.70 11.21
C ASP A 327 3.11 6.87 11.15
N LEU A 328 4.12 7.40 10.44
CA LEU A 328 5.40 6.75 10.24
C LEU A 328 6.47 7.55 10.94
N ARG A 329 7.65 6.94 11.12
CA ARG A 329 8.78 7.63 11.71
C ARG A 329 10.03 7.21 10.95
N LEU A 330 10.82 8.16 10.51
CA LEU A 330 11.98 7.83 9.72
C LEU A 330 13.17 7.60 10.61
N GLY A 331 13.74 6.41 10.50
CA GLY A 331 14.97 6.08 11.20
C GLY A 331 16.20 6.42 10.39
N GLY A 332 17.31 5.87 10.81
CA GLY A 332 18.58 5.99 10.11
C GLY A 332 18.69 5.11 8.89
N ALA A 333 19.72 5.32 8.11
CA ALA A 333 19.90 4.55 6.91
C ALA A 333 20.06 3.09 7.30
N PRO A 334 19.23 2.26 6.74
CA PRO A 334 19.40 0.86 6.98
C PRO A 334 20.79 0.47 6.54
N VAL A 335 21.37 -0.50 7.21
N VAL A 335 21.39 -0.48 7.22
CA VAL A 335 22.61 -1.11 6.80
CA VAL A 335 22.61 -1.10 6.76
C VAL A 335 22.34 -2.42 6.09
C VAL A 335 22.34 -2.42 6.08
N ALA A 336 21.23 -3.06 6.41
CA ALA A 336 20.81 -4.28 5.74
C ALA A 336 19.30 -4.36 5.72
N ALA A 337 18.75 -4.92 4.64
CA ALA A 337 17.33 -5.18 4.55
C ALA A 337 17.15 -6.43 3.70
N ARG A 338 16.55 -7.47 4.27
CA ARG A 338 16.37 -8.72 3.56
C ARG A 338 14.99 -9.31 3.81
N THR A 339 14.40 -9.84 2.75
CA THR A 339 13.14 -10.58 2.83
C THR A 339 13.40 -12.04 2.49
N VAL A 340 12.87 -12.93 3.32
CA VAL A 340 12.84 -14.34 2.99
C VAL A 340 11.37 -14.76 2.97
N LEU A 341 10.90 -15.25 1.82
CA LEU A 341 9.52 -15.68 1.69
C LEU A 341 9.32 -17.02 2.36
N ALA A 342 8.08 -17.27 2.78
CA ALA A 342 7.74 -18.50 3.49
C ALA A 342 6.82 -19.39 2.67
N GLY A 343 6.95 -20.71 2.87
CA GLY A 343 6.14 -21.68 2.16
C GLY A 343 6.87 -22.28 0.99
N GLU A 344 6.41 -23.42 0.52
CA GLU A 344 7.12 -24.13 -0.54
C GLU A 344 7.33 -23.33 -1.80
N ASP A 345 6.37 -22.50 -2.14
CA ASP A 345 6.48 -21.66 -3.31
C ASP A 345 6.55 -20.18 -2.96
N GLY A 346 6.83 -19.89 -1.68
CA GLY A 346 7.01 -18.51 -1.24
C GLY A 346 5.73 -17.70 -1.20
N LEU A 347 4.59 -18.39 -1.07
CA LEU A 347 3.27 -17.75 -1.14
C LEU A 347 2.53 -17.70 0.18
N ASP A 348 3.17 -18.12 1.27
CA ASP A 348 2.46 -18.25 2.53
C ASP A 348 2.77 -17.13 3.54
N GLY A 349 3.61 -16.19 3.13
CA GLY A 349 4.02 -15.11 3.99
C GLY A 349 5.49 -14.81 3.82
N TRP A 350 6.08 -14.19 4.83
CA TRP A 350 7.46 -13.74 4.70
C TRP A 350 8.01 -13.26 6.04
N ALA A 351 9.33 -13.10 6.05
CA ALA A 351 10.05 -12.43 7.11
C ALA A 351 10.89 -11.33 6.51
N GLN A 352 10.81 -10.13 7.08
CA GLN A 352 11.62 -9.01 6.65
C GLN A 352 12.52 -8.57 7.80
N LEU A 353 13.83 -8.61 7.56
CA LEU A 353 14.81 -8.21 8.54
C LEU A 353 15.39 -6.87 8.13
N THR A 354 15.48 -5.94 9.09
CA THR A 354 16.14 -4.66 8.85
C THR A 354 17.17 -4.43 9.94
N ALA A 355 18.38 -4.06 9.53
CA ALA A 355 19.43 -3.67 10.47
C ALA A 355 19.73 -2.20 10.25
N SER A 356 19.86 -1.44 11.33
CA SER A 356 20.22 -0.03 11.21
C SER A 356 21.14 0.40 12.35
N ARG A 357 21.74 1.58 12.20
CA ARG A 357 22.59 2.13 13.25
C ARG A 357 21.74 2.86 14.29
N PRO A 358 22.16 2.82 15.56
CA PRO A 358 23.30 2.05 16.07
C PRO A 358 22.87 0.71 16.66
N GLY A 359 23.20 -0.37 15.97
CA GLY A 359 22.97 -1.71 16.49
C GLY A 359 21.52 -2.08 16.72
N ARG A 360 20.64 -1.63 15.84
CA ARG A 360 19.23 -1.99 15.95
C ARG A 360 18.86 -3.05 14.91
N LEU A 361 18.06 -4.02 15.35
CA LEU A 361 17.56 -5.05 14.46
C LEU A 361 16.03 -5.08 14.57
N ARG A 362 15.37 -5.31 13.43
CA ARG A 362 13.93 -5.44 13.39
C ARG A 362 13.57 -6.64 12.53
N LEU A 363 12.66 -7.47 13.03
CA LEU A 363 12.15 -8.60 12.27
C LEU A 363 10.63 -8.49 12.22
N SER A 364 10.10 -8.39 11.01
CA SER A 364 8.65 -8.37 10.78
C SER A 364 8.26 -9.68 10.11
N VAL A 365 7.38 -10.43 10.75
CA VAL A 365 7.04 -11.77 10.30
C VAL A 365 5.55 -11.82 10.03
N CYS A 366 5.20 -12.32 8.87
N CYS A 366 5.19 -12.25 8.83
CA CYS A 366 3.81 -12.29 8.43
CA CYS A 366 3.80 -12.26 8.39
C CYS A 366 3.35 -13.63 7.88
C CYS A 366 3.37 -13.63 7.89
N LYS A 367 2.30 -14.17 8.48
CA LYS A 367 1.60 -15.32 7.92
C LYS A 367 0.54 -14.77 6.97
N ASN A 368 0.70 -15.03 5.68
CA ASN A 368 -0.22 -14.48 4.69
C ASN A 368 -1.10 -15.59 4.14
N ARG A 369 -1.94 -16.11 5.02
CA ARG A 369 -2.68 -17.34 4.75
C ARG A 369 -3.93 -17.29 5.60
N GLY A 370 -5.07 -17.62 4.99
CA GLY A 370 -6.33 -17.69 5.69
C GLY A 370 -7.03 -16.35 5.76
N GLN A 371 -8.36 -16.41 5.91
N GLN A 371 -8.36 -16.40 5.87
CA GLN A 371 -9.17 -15.22 6.07
CA GLN A 371 -9.17 -15.20 6.11
C GLN A 371 -9.94 -15.31 7.38
C GLN A 371 -9.91 -15.35 7.41
N ALA A 372 -11.12 -15.93 7.37
CA ALA A 372 -11.91 -16.06 8.59
C ALA A 372 -11.36 -17.14 9.52
N ASP A 373 -10.73 -18.15 8.95
CA ASP A 373 -10.39 -19.37 9.69
C ASP A 373 -8.90 -19.65 9.75
N ASP A 374 -8.42 -19.88 10.97
CA ASP A 374 -7.01 -20.17 11.24
C ASP A 374 -6.79 -21.68 11.12
N ASP A 375 -5.91 -22.09 10.20
CA ASP A 375 -5.63 -23.51 9.99
C ASP A 375 -4.58 -24.07 10.95
N GLY A 376 -4.12 -23.23 11.87
CA GLY A 376 -3.16 -23.67 12.86
C GLY A 376 -1.71 -23.59 12.43
N THR A 377 -1.47 -23.28 11.16
CA THR A 377 -0.10 -23.12 10.70
C THR A 377 0.47 -21.79 11.18
N ALA A 378 1.79 -21.69 11.18
CA ALA A 378 2.45 -20.45 11.57
C ALA A 378 3.62 -20.20 10.65
N VAL A 379 3.98 -18.92 10.49
CA VAL A 379 5.23 -18.57 9.82
C VAL A 379 6.25 -18.21 10.88
N ARG A 380 7.40 -18.86 10.83
CA ARG A 380 8.43 -18.66 11.84
C ARG A 380 9.71 -18.19 11.19
N ALA A 381 10.30 -17.15 11.76
CA ALA A 381 11.57 -16.63 11.30
C ALA A 381 12.62 -16.89 12.37
N VAL A 382 13.78 -17.38 11.94
CA VAL A 382 14.88 -17.59 12.86
C VAL A 382 16.14 -16.93 12.32
N LEU A 383 16.73 -16.04 13.09
CA LEU A 383 18.03 -15.50 12.84
C LEU A 383 19.06 -16.44 13.48
N ARG A 384 19.95 -16.98 12.66
CA ARG A 384 20.93 -17.95 13.10
C ARG A 384 22.36 -17.45 12.88
N ASN A 385 23.28 -17.87 13.73
CA ASN A 385 24.69 -17.58 13.48
C ASN A 385 25.27 -18.54 12.45
N ARG A 386 26.55 -18.40 12.14
CA ARG A 386 27.17 -19.24 11.12
C ARG A 386 27.18 -20.72 11.52
N ALA A 387 27.19 -20.97 12.82
CA ALA A 387 27.11 -22.33 13.34
C ALA A 387 25.72 -22.92 13.22
N GLY A 388 24.72 -22.07 12.98
CA GLY A 388 23.35 -22.51 12.83
C GLY A 388 22.53 -22.38 14.11
N VAL A 389 23.12 -21.78 15.13
CA VAL A 389 22.46 -21.60 16.41
C VAL A 389 21.46 -20.44 16.33
N ALA A 390 20.25 -20.66 16.86
CA ALA A 390 19.22 -19.63 16.88
C ALA A 390 19.62 -18.46 17.77
N LEU A 391 19.59 -17.25 17.21
CA LEU A 391 19.86 -16.03 17.95
C LEU A 391 18.56 -15.38 18.40
N ARG A 392 17.54 -15.43 17.55
CA ARG A 392 16.21 -14.97 17.90
C ARG A 392 15.21 -15.61 16.96
N THR A 393 14.04 -15.91 17.49
CA THR A 393 12.95 -16.53 16.75
C THR A 393 11.71 -15.64 16.88
N VAL A 394 11.06 -15.35 15.76
CA VAL A 394 9.84 -14.55 15.78
C VAL A 394 8.80 -15.28 14.93
N THR A 395 7.61 -15.44 15.49
CA THR A 395 6.57 -16.26 14.85
C THR A 395 5.29 -15.46 14.65
N ASP A 396 4.62 -15.70 13.53
CA ASP A 396 3.29 -15.13 13.30
C ASP A 396 2.29 -16.25 13.03
N SER A 397 1.20 -16.27 13.78
CA SER A 397 0.13 -17.22 13.53
C SER A 397 -1.15 -16.46 13.19
N GLY A 398 -2.29 -17.14 13.25
CA GLY A 398 -3.56 -16.48 12.95
C GLY A 398 -3.88 -16.52 11.47
N THR A 399 -4.44 -15.45 10.94
CA THR A 399 -4.75 -15.39 9.51
C THR A 399 -4.33 -14.04 8.94
N SER A 400 -4.56 -13.83 7.66
CA SER A 400 -4.27 -12.54 7.04
C SER A 400 -5.06 -11.38 7.64
N ARG A 401 -6.13 -11.68 8.38
CA ARG A 401 -6.90 -10.63 9.04
C ARG A 401 -6.21 -10.07 10.30
N ASP A 402 -5.15 -10.74 10.75
CA ASP A 402 -4.48 -10.38 11.99
C ASP A 402 -3.16 -9.67 11.74
N ARG A 403 -2.84 -8.77 12.67
CA ARG A 403 -1.62 -7.98 12.64
C ARG A 403 -0.38 -8.88 12.56
N CYS A 404 0.64 -8.48 11.82
N CYS A 404 0.63 -8.42 11.81
CA CYS A 404 1.84 -9.30 11.79
CA CYS A 404 1.95 -9.08 11.72
C CYS A 404 2.70 -9.03 13.01
C CYS A 404 2.67 -9.06 13.08
N THR A 405 3.72 -9.87 13.21
CA THR A 405 4.52 -9.85 14.41
C THR A 405 5.84 -9.15 14.15
N VAL A 406 6.05 -8.01 14.80
CA VAL A 406 7.23 -7.18 14.60
C VAL A 406 7.98 -7.03 15.91
N GLU A 407 9.25 -7.44 15.93
CA GLU A 407 10.09 -7.29 17.10
C GLU A 407 11.30 -6.45 16.75
N THR A 408 11.71 -5.62 17.68
CA THR A 408 12.87 -4.76 17.52
C THR A 408 13.74 -4.92 18.75
N TRP A 409 15.05 -5.07 18.55
CA TRP A 409 15.95 -5.27 19.67
C TRP A 409 17.34 -4.75 19.33
N ARG A 410 18.20 -4.67 20.34
CA ARG A 410 19.55 -4.21 20.12
C ARG A 410 20.47 -5.39 19.88
N GLY A 411 21.19 -5.35 18.76
CA GLY A 411 22.14 -6.40 18.43
C GLY A 411 22.83 -6.10 17.11
N ALA A 412 23.89 -6.84 16.84
CA ALA A 412 24.60 -6.71 15.57
C ALA A 412 24.60 -8.05 14.87
N LEU A 413 24.49 -8.02 13.54
CA LEU A 413 24.58 -9.24 12.75
C LEU A 413 26.03 -9.72 12.73
N PRO A 414 26.27 -10.93 13.26
CA PRO A 414 27.62 -11.51 13.23
C PRO A 414 27.95 -12.02 11.83
N PRO A 415 29.25 -12.12 11.50
CA PRO A 415 29.64 -12.65 10.20
C PRO A 415 29.13 -14.07 10.01
N GLY A 416 28.58 -14.36 8.83
CA GLY A 416 28.08 -15.69 8.54
C GLY A 416 26.65 -15.93 9.01
N ALA A 417 26.00 -14.89 9.51
CA ALA A 417 24.62 -15.00 9.94
C ALA A 417 23.67 -15.35 8.79
N ARG A 418 22.56 -15.97 9.11
CA ARG A 418 21.56 -16.28 8.09
C ARG A 418 20.16 -16.13 8.65
N LEU A 419 19.21 -15.92 7.76
CA LEU A 419 17.82 -15.77 8.13
C LEU A 419 17.03 -16.92 7.52
N GLU A 420 16.26 -17.61 8.35
CA GLU A 420 15.41 -18.71 7.93
C GLU A 420 13.95 -18.30 8.09
N ALA A 421 13.13 -18.65 7.11
CA ALA A 421 11.68 -18.50 7.24
C ALA A 421 11.03 -19.83 6.95
N CYS A 422 10.16 -20.26 7.84
N CYS A 422 10.15 -20.28 7.83
CA CYS A 422 9.49 -21.55 7.73
CA CYS A 422 9.50 -21.55 7.61
C CYS A 422 7.98 -21.43 7.79
C CYS A 422 8.01 -21.49 7.83
N LEU A 423 7.31 -22.39 7.16
CA LEU A 423 5.90 -22.60 7.41
C LEU A 423 5.83 -23.82 8.32
N VAL A 424 5.22 -23.63 9.50
CA VAL A 424 5.15 -24.67 10.50
C VAL A 424 3.72 -25.17 10.59
N GLY A 425 3.56 -26.49 10.56
CA GLY A 425 2.23 -27.08 10.63
C GLY A 425 1.65 -26.97 12.03
N ALA A 426 0.36 -27.24 12.14
CA ALA A 426 -0.31 -27.16 13.43
C ALA A 426 0.29 -28.12 14.45
N ASP A 427 0.80 -29.26 13.96
CA ASP A 427 1.42 -30.25 14.84
C ASP A 427 2.89 -29.96 15.12
N GLY A 428 3.41 -28.88 14.56
CA GLY A 428 4.78 -28.48 14.81
C GLY A 428 5.77 -28.93 13.75
N THR A 429 5.31 -29.68 12.79
CA THR A 429 6.19 -30.11 11.74
C THR A 429 6.56 -28.97 10.80
N ILE A 430 7.75 -29.04 10.24
CA ILE A 430 8.19 -28.02 9.29
C ILE A 430 7.71 -28.38 7.90
N LEU A 431 6.73 -27.63 7.40
CA LEU A 431 6.16 -27.89 6.08
C LEU A 431 7.07 -27.35 4.99
N ALA A 432 7.77 -26.27 5.28
CA ALA A 432 8.68 -25.67 4.32
C ALA A 432 9.71 -24.82 5.06
N SER A 433 10.90 -24.71 4.50
CA SER A 433 11.96 -23.90 5.07
C SER A 433 12.78 -23.28 3.97
N ARG A 434 13.17 -22.02 4.16
CA ARG A 434 14.01 -21.30 3.23
C ARG A 434 15.02 -20.50 4.06
N THR A 435 16.29 -20.57 3.68
N THR A 435 16.30 -20.60 3.71
CA THR A 435 17.34 -19.87 4.42
CA THR A 435 17.34 -19.86 4.42
C THR A 435 18.23 -19.10 3.46
C THR A 435 18.20 -19.08 3.45
N GLU A 436 18.63 -17.89 3.87
CA GLU A 436 19.54 -17.07 3.07
C GLU A 436 20.58 -16.44 4.00
N THR A 437 21.85 -16.54 3.62
CA THR A 437 22.89 -15.83 4.38
C THR A 437 22.75 -14.33 4.17
N LEU A 438 23.27 -13.56 5.13
CA LEU A 438 23.20 -12.11 5.06
C LEU A 438 24.53 -11.52 4.60
#